data_8Y47
#
_entry.id   8Y47
#
_cell.length_a   35.378
_cell.length_b   63.907
_cell.length_c   89.765
_cell.angle_alpha   90.00
_cell.angle_beta   90.00
_cell.angle_gamma   90.00
#
_symmetry.space_group_name_H-M   'P 21 21 21'
#
loop_
_entity.id
_entity.type
_entity.pdbx_description
1 polymer 'Stomatal closure-related actin-binding protein 1'
2 polymer 'Casein kinase 1-like protein 2'
3 water water
#
loop_
_entity_poly.entity_id
_entity_poly.type
_entity_poly.pdbx_seq_one_letter_code
_entity_poly.pdbx_strand_id
1 'polypeptide(L)'
;GPSSSKSEENISLVYEIDGTEALGSCLRVRPCSNDAPDLSKCTIQWYRSSSDGSKKELISGATKSVYAPEPFDVGRVLHA
DIIYDGHSLSLSTVGKIDPAAGLGSYVEALVRKHDVDFNVVVTQMSGEDHTSESIHLFHVGKMRIKLCKGKTVIAKEYYS
SAMQLCGVRGGGNAAAQALYWQAKKGVSFVIAFESERERNAAIMLARRFACDCNVTLAGPEDRTETGQSP
;
A
2 'polypeptide(L)' GGSDPAISKDVVLSSSSFLRA B
#
# COMPACT_ATOMS: atom_id res chain seq x y z
N SER A 12 6.52 30.74 0.63
CA SER A 12 6.34 30.29 2.05
C SER A 12 5.62 28.93 2.20
N LEU A 13 6.38 27.87 2.55
CA LEU A 13 5.81 26.51 2.61
C LEU A 13 5.30 26.22 3.97
N VAL A 14 4.00 26.20 4.17
CA VAL A 14 3.49 25.76 5.47
C VAL A 14 2.32 24.76 5.29
N TYR A 15 2.60 23.55 5.74
CA TYR A 15 1.70 22.42 5.60
C TYR A 15 1.86 21.60 6.84
N GLU A 16 0.88 20.69 7.08
CA GLU A 16 0.93 19.71 8.17
C GLU A 16 0.30 18.38 7.71
N ILE A 17 0.74 17.28 8.31
CA ILE A 17 0.11 15.96 8.09
C ILE A 17 -1.12 15.81 9.01
N ASP A 18 -2.27 15.46 8.42
CA ASP A 18 -3.52 15.27 9.09
C ASP A 18 -3.90 13.84 8.90
N GLY A 19 -4.65 13.30 9.86
CA GLY A 19 -5.40 12.06 9.69
C GLY A 19 -5.15 11.14 10.86
N THR A 20 -5.89 10.04 10.92
CA THR A 20 -5.73 9.13 12.06
C THR A 20 -4.44 8.34 11.87
N GLU A 21 -3.59 8.33 12.86
CA GLU A 21 -2.30 7.68 12.76
C GLU A 21 -2.34 6.22 13.17
N ALA A 22 -3.05 5.44 12.38
CA ALA A 22 -3.25 4.01 12.63
C ALA A 22 -3.45 3.29 11.26
N LEU A 23 -3.01 2.02 11.23
CA LEU A 23 -3.17 1.15 10.09
C LEU A 23 -4.68 1.04 9.87
N GLY A 24 -5.13 1.29 8.66
CA GLY A 24 -6.56 1.27 8.38
C GLY A 24 -7.14 2.60 7.88
N SER A 25 -6.35 3.64 8.01
CA SER A 25 -6.78 4.95 7.63
C SER A 25 -5.85 5.48 6.55
N CYS A 26 -5.98 6.79 6.26
CA CYS A 26 -5.14 7.59 5.32
C CYS A 26 -4.67 8.85 5.95
N LEU A 27 -3.50 9.28 5.58
CA LEU A 27 -2.92 10.52 6.05
C LEU A 27 -2.87 11.42 4.85
N ARG A 28 -2.95 12.70 5.11
CA ARG A 28 -2.98 13.67 4.00
C ARG A 28 -2.16 14.88 4.42
N VAL A 29 -1.37 15.41 3.49
CA VAL A 29 -0.76 16.71 3.69
C VAL A 29 -1.82 17.83 3.43
N ARG A 30 -1.92 18.78 4.35
CA ARG A 30 -2.87 19.84 4.21
C ARG A 30 -2.18 21.20 4.32
N PRO A 31 -2.56 22.17 3.48
CA PRO A 31 -2.03 23.55 3.59
C PRO A 31 -2.39 24.22 4.88
N CYS A 32 -1.48 25.04 5.44
CA CYS A 32 -1.73 25.76 6.72
C CYS A 32 -1.62 27.25 6.66
N SER A 33 -1.55 27.81 5.46
CA SER A 33 -1.40 29.24 5.26
C SER A 33 -1.98 29.61 3.90
N ASN A 34 -2.40 30.86 3.76
CA ASN A 34 -3.00 31.35 2.55
C ASN A 34 -2.13 31.39 1.35
N ASP A 35 -0.87 31.70 1.56
CA ASP A 35 0.11 31.85 0.49
C ASP A 35 0.96 30.58 0.30
N ALA A 36 0.59 29.46 0.93
CA ALA A 36 1.25 28.17 0.63
C ALA A 36 0.89 27.73 -0.81
N PRO A 37 1.89 27.50 -1.67
CA PRO A 37 1.49 27.00 -3.02
C PRO A 37 0.66 25.75 -2.97
N ASP A 38 -0.12 25.54 -4.04
CA ASP A 38 -0.92 24.33 -4.19
C ASP A 38 -0.02 23.10 -4.24
N LEU A 39 -0.45 22.07 -3.57
CA LEU A 39 0.33 20.85 -3.45
C LEU A 39 0.59 20.17 -4.77
N SER A 40 -0.29 20.38 -5.77
CA SER A 40 -0.11 19.76 -7.08
C SER A 40 1.09 20.29 -7.84
N LYS A 41 1.53 21.50 -7.49
CA LYS A 41 2.77 22.06 -8.02
C LYS A 41 4.00 21.66 -7.21
N CYS A 42 3.83 21.06 -6.03
CA CYS A 42 4.96 20.61 -5.25
C CYS A 42 5.37 19.20 -5.57
N THR A 43 6.58 18.83 -5.17
CA THR A 43 7.04 17.54 -5.23
C THR A 43 6.89 17.05 -3.80
N ILE A 44 6.23 15.89 -3.62
CA ILE A 44 5.99 15.31 -2.28
C ILE A 44 6.67 13.96 -2.25
N GLN A 45 7.33 13.66 -1.16
CA GLN A 45 7.84 12.32 -0.94
C GLN A 45 7.59 11.83 0.49
N TRP A 46 6.96 10.66 0.61
CA TRP A 46 6.76 10.08 1.88
C TRP A 46 7.94 9.16 2.30
N TYR A 47 8.18 9.18 3.58
CA TYR A 47 9.18 8.27 4.20
C TYR A 47 8.65 7.57 5.45
N ARG A 48 9.31 6.47 5.86
CA ARG A 48 9.04 5.86 7.17
C ARG A 48 10.34 5.85 8.00
N SER A 49 10.26 6.02 9.32
CA SER A 49 11.49 5.90 10.14
C SER A 49 11.90 4.46 10.10
N SER A 50 13.18 4.20 10.36
CA SER A 50 13.75 2.88 10.22
C SER A 50 13.45 1.95 11.35
N SER A 54 18.55 5.91 13.57
CA SER A 54 17.36 6.77 13.63
C SER A 54 16.92 7.41 12.29
N LYS A 55 17.25 6.72 11.19
CA LYS A 55 17.05 7.22 9.79
C LYS A 55 15.61 7.15 9.30
N LYS A 56 15.38 7.82 8.19
CA LYS A 56 14.16 7.66 7.42
C LYS A 56 14.46 6.96 6.10
N GLU A 57 13.57 6.06 5.75
CA GLU A 57 13.70 5.21 4.58
C GLU A 57 12.61 5.69 3.58
N LEU A 58 12.99 5.94 2.35
CA LEU A 58 12.04 6.41 1.33
C LEU A 58 10.93 5.39 0.97
N ILE A 59 9.67 5.82 0.89
CA ILE A 59 8.63 4.96 0.38
C ILE A 59 8.44 5.19 -1.10
N SER A 60 9.04 4.30 -1.93
CA SER A 60 9.03 4.56 -3.38
C SER A 60 7.69 4.56 -4.00
N GLY A 61 7.45 5.57 -4.83
CA GLY A 61 6.19 5.73 -5.49
C GLY A 61 5.20 6.50 -4.61
N ALA A 62 5.48 6.75 -3.32
CA ALA A 62 4.54 7.51 -2.48
C ALA A 62 4.85 9.00 -2.66
N THR A 63 4.23 9.58 -3.66
CA THR A 63 4.50 10.93 -4.19
C THR A 63 3.28 11.79 -4.26
N LYS A 64 2.18 11.38 -3.62
CA LYS A 64 0.95 12.14 -3.66
C LYS A 64 0.73 12.78 -2.30
N SER A 65 -0.26 13.65 -2.26
CA SER A 65 -0.56 14.37 -1.06
C SER A 65 -1.27 13.49 0.00
N VAL A 66 -1.76 12.32 -0.44
CA VAL A 66 -2.38 11.29 0.43
C VAL A 66 -1.50 10.03 0.49
N TYR A 67 -1.26 9.48 1.69
CA TYR A 67 -0.59 8.23 1.82
C TYR A 67 -1.40 7.31 2.78
N ALA A 68 -1.73 6.12 2.33
CA ALA A 68 -2.35 5.09 3.28
C ALA A 68 -1.33 4.19 3.92
N PRO A 69 -1.20 4.24 5.23
CA PRO A 69 -0.25 3.22 5.80
C PRO A 69 -0.56 1.73 5.51
N GLU A 70 0.49 0.94 5.44
CA GLU A 70 0.45 -0.50 5.22
C GLU A 70 1.18 -1.20 6.38
N PRO A 71 1.21 -2.54 6.40
CA PRO A 71 1.88 -3.21 7.58
C PRO A 71 3.32 -2.83 7.96
N PHE A 72 4.18 -2.55 6.99
CA PHE A 72 5.53 -2.08 7.33
C PHE A 72 5.61 -0.74 8.08
N ASP A 73 4.53 0.02 8.03
CA ASP A 73 4.47 1.35 8.66
C ASP A 73 4.12 1.31 10.12
N VAL A 74 3.57 0.17 10.64
CA VAL A 74 3.17 0.07 11.99
C VAL A 74 4.37 0.13 12.93
N GLY A 75 4.23 0.98 13.94
CA GLY A 75 5.30 1.18 14.90
C GLY A 75 6.34 2.16 14.35
N ARG A 76 6.07 2.82 13.23
CA ARG A 76 7.08 3.77 12.68
C ARG A 76 6.48 5.16 12.66
N VAL A 77 7.31 6.20 12.77
CA VAL A 77 6.88 7.56 12.49
C VAL A 77 6.89 7.70 10.97
N LEU A 78 5.87 8.37 10.38
CA LEU A 78 5.91 8.67 8.98
C LEU A 78 6.25 10.17 8.75
N HIS A 79 6.87 10.44 7.65
CA HIS A 79 7.32 11.75 7.29
C HIS A 79 6.94 12.03 5.90
N ALA A 80 6.72 13.29 5.60
CA ALA A 80 6.63 13.77 4.22
C ALA A 80 7.62 14.93 3.99
N ASP A 81 8.42 14.91 2.94
CA ASP A 81 9.05 16.15 2.51
C ASP A 81 8.20 16.80 1.40
N ILE A 82 8.02 18.11 1.49
CA ILE A 82 7.37 18.82 0.39
C ILE A 82 8.38 19.87 -0.16
N ILE A 83 8.48 19.92 -1.49
CA ILE A 83 9.50 20.78 -2.17
C ILE A 83 8.83 21.64 -3.24
N TYR A 84 9.19 22.91 -3.31
CA TYR A 84 8.78 23.81 -4.36
C TYR A 84 9.92 24.78 -4.66
N ASP A 85 10.31 24.89 -5.92
CA ASP A 85 11.26 26.02 -6.32
C ASP A 85 12.43 26.30 -5.36
N GLY A 86 13.14 25.23 -5.04
CA GLY A 86 14.19 25.28 -4.08
C GLY A 86 13.93 25.45 -2.60
N HIS A 87 12.66 25.50 -2.16
CA HIS A 87 12.27 25.54 -0.75
C HIS A 87 11.76 24.16 -0.39
N SER A 88 11.92 23.81 0.84
CA SER A 88 11.56 22.48 1.31
C SER A 88 11.06 22.53 2.70
N LEU A 89 10.23 21.55 3.07
CA LEU A 89 9.73 21.46 4.43
C LEU A 89 9.55 19.97 4.74
N SER A 90 10.09 19.54 5.88
CA SER A 90 10.01 18.13 6.29
C SER A 90 8.98 18.01 7.39
N LEU A 91 7.97 17.19 7.20
CA LEU A 91 6.91 16.98 8.19
C LEU A 91 6.95 15.59 8.72
N SER A 92 6.40 15.43 9.92
CA SER A 92 6.29 14.12 10.60
C SER A 92 4.96 13.93 11.21
N THR A 93 4.54 12.67 11.34
CA THR A 93 3.26 12.38 12.06
C THR A 93 3.47 12.73 13.53
N VAL A 94 2.39 12.85 14.28
CA VAL A 94 2.50 13.12 15.72
C VAL A 94 3.22 12.01 16.50
N GLY A 95 2.89 10.76 16.20
CA GLY A 95 3.64 9.63 16.74
C GLY A 95 3.68 8.48 15.74
N LYS A 96 4.07 7.33 16.24
CA LYS A 96 4.21 6.14 15.44
C LYS A 96 2.83 5.68 15.00
N ILE A 97 2.75 5.05 13.85
CA ILE A 97 1.46 4.49 13.33
C ILE A 97 1.05 3.35 14.20
N ASP A 98 -0.16 3.42 14.72
CA ASP A 98 -0.66 2.33 15.60
C ASP A 98 -1.10 1.10 14.86
N PRO A 99 -1.12 -0.06 15.57
CA PRO A 99 -1.63 -1.33 14.93
C PRO A 99 -3.10 -1.30 14.68
N ALA A 100 -3.52 -2.17 13.75
CA ALA A 100 -4.94 -2.45 13.61
C ALA A 100 -5.34 -3.52 14.61
N ALA A 101 -6.26 -3.20 15.49
CA ALA A 101 -6.83 -4.17 16.42
C ALA A 101 -7.24 -5.45 15.76
N GLY A 102 -6.78 -6.55 16.29
CA GLY A 102 -7.19 -7.89 15.88
C GLY A 102 -6.49 -8.42 14.67
N LEU A 103 -5.65 -7.60 14.03
CA LEU A 103 -4.99 -8.04 12.80
C LEU A 103 -4.03 -9.19 13.01
N GLY A 104 -3.15 -9.10 14.01
CA GLY A 104 -2.22 -10.21 14.34
C GLY A 104 -2.89 -11.56 14.57
N SER A 105 -3.99 -11.52 15.29
CA SER A 105 -4.72 -12.72 15.62
C SER A 105 -5.38 -13.34 14.39
N TYR A 106 -5.87 -12.48 13.50
CA TYR A 106 -6.49 -12.93 12.24
C TYR A 106 -5.44 -13.56 11.35
N VAL A 107 -4.32 -12.90 11.15
CA VAL A 107 -3.23 -13.50 10.38
C VAL A 107 -2.68 -14.86 10.92
N GLU A 108 -2.44 -14.91 12.23
CA GLU A 108 -2.16 -16.17 12.92
C GLU A 108 -3.20 -17.29 12.59
N ALA A 109 -4.50 -16.99 12.55
CA ALA A 109 -5.49 -18.02 12.15
C ALA A 109 -5.33 -18.43 10.68
N LEU A 110 -4.94 -17.49 9.80
CA LEU A 110 -4.79 -17.77 8.36
C LEU A 110 -3.51 -18.47 8.04
N VAL A 111 -2.52 -18.26 8.87
CA VAL A 111 -1.24 -18.82 8.58
C VAL A 111 -1.16 -20.34 8.70
N ARG A 112 -2.09 -20.97 9.43
CA ARG A 112 -2.16 -22.43 9.55
C ARG A 112 -2.57 -23.08 8.21
N LYS A 113 -3.30 -22.34 7.39
CA LYS A 113 -3.90 -22.88 6.15
C LYS A 113 -3.02 -22.81 4.91
N HIS A 114 -3.28 -23.72 4.00
CA HIS A 114 -2.48 -23.82 2.81
C HIS A 114 -2.89 -22.75 1.81
N VAL A 116 -5.89 -20.26 1.35
CA VAL A 116 -6.70 -19.01 1.64
C VAL A 116 -7.00 -17.99 0.50
N ASP A 117 -8.28 -17.64 0.31
CA ASP A 117 -8.60 -16.62 -0.69
C ASP A 117 -9.55 -15.50 -0.30
N PHE A 118 -9.40 -14.41 -1.02
CA PHE A 118 -10.01 -13.12 -0.72
C PHE A 118 -10.78 -12.74 -2.00
N ASN A 119 -12.01 -12.29 -1.81
CA ASN A 119 -12.75 -11.55 -2.88
C ASN A 119 -12.19 -10.18 -3.15
N VAL A 120 -11.85 -9.92 -4.40
CA VAL A 120 -11.32 -8.64 -4.76
C VAL A 120 -11.90 -8.13 -6.08
N VAL A 121 -11.61 -6.87 -6.32
CA VAL A 121 -11.87 -6.20 -7.54
C VAL A 121 -10.50 -5.74 -8.08
N VAL A 122 -10.35 -5.78 -9.37
CA VAL A 122 -9.07 -5.39 -9.99
C VAL A 122 -9.22 -3.97 -10.56
N THR A 123 -8.36 -3.05 -10.17
CA THR A 123 -8.56 -1.67 -10.59
C THR A 123 -7.46 -1.22 -11.53
N GLN A 124 -6.39 -2.00 -11.66
CA GLN A 124 -5.35 -1.73 -12.64
C GLN A 124 -4.79 -3.06 -13.12
N MET A 125 -4.65 -3.24 -14.43
CA MET A 125 -3.75 -4.30 -15.00
C MET A 125 -3.08 -3.89 -16.31
N GLU A 128 -2.70 -0.25 -17.07
CA GLU A 128 -3.96 0.38 -17.48
C GLU A 128 -5.18 0.24 -16.52
N ASP A 129 -5.90 1.34 -16.36
CA ASP A 129 -7.17 1.35 -15.61
C ASP A 129 -8.12 0.25 -16.01
N HIS A 130 -8.97 -0.14 -15.07
CA HIS A 130 -9.85 -1.29 -15.23
C HIS A 130 -11.03 -1.07 -14.32
N THR A 131 -12.20 -0.95 -14.90
CA THR A 131 -13.38 -0.74 -14.11
C THR A 131 -14.23 -1.95 -14.42
N SER A 132 -14.28 -2.81 -13.44
CA SER A 132 -15.10 -3.94 -13.53
C SER A 132 -15.61 -4.10 -12.14
N GLU A 133 -16.87 -4.52 -12.08
CA GLU A 133 -17.50 -4.98 -10.87
C GLU A 133 -17.32 -6.50 -10.72
N SER A 134 -16.64 -7.16 -11.67
CA SER A 134 -16.40 -8.61 -11.56
C SER A 134 -15.44 -8.93 -10.42
N ILE A 135 -15.95 -9.75 -9.51
CA ILE A 135 -15.23 -10.19 -8.35
C ILE A 135 -14.25 -11.27 -8.82
N HIS A 136 -13.02 -11.15 -8.38
CA HIS A 136 -11.98 -12.09 -8.68
C HIS A 136 -11.64 -12.71 -7.39
N LEU A 137 -10.90 -13.80 -7.41
CA LEU A 137 -10.45 -14.39 -6.16
C LEU A 137 -8.95 -14.27 -6.13
N PHE A 138 -8.40 -13.80 -5.00
CA PHE A 138 -7.00 -13.63 -4.82
C PHE A 138 -6.54 -14.67 -3.82
N HIS A 139 -5.77 -15.66 -4.31
CA HIS A 139 -5.40 -16.81 -3.54
C HIS A 139 -4.02 -16.56 -3.02
N VAL A 140 -3.86 -16.56 -1.72
CA VAL A 140 -2.52 -16.44 -1.12
C VAL A 140 -2.20 -17.80 -0.52
N GLY A 141 -1.25 -18.49 -1.11
CA GLY A 141 -0.95 -19.85 -0.75
C GLY A 141 0.42 -19.96 -0.11
N LYS A 142 0.71 -21.15 0.29
CA LYS A 142 1.96 -21.44 1.01
C LYS A 142 3.17 -21.18 0.17
N MET A 143 3.06 -21.43 -1.12
CA MET A 143 4.17 -21.18 -2.00
C MET A 143 3.92 -20.29 -3.24
N ARG A 144 2.67 -19.88 -3.50
CA ARG A 144 2.37 -19.09 -4.69
C ARG A 144 1.17 -18.19 -4.49
N ILE A 145 1.09 -17.14 -5.28
CA ILE A 145 -0.15 -16.36 -5.30
C ILE A 145 -0.82 -16.52 -6.67
N LYS A 146 -2.13 -16.59 -6.68
CA LYS A 146 -2.86 -16.59 -7.96
C LYS A 146 -4.11 -15.71 -7.95
N LEU A 147 -4.31 -15.08 -9.08
CA LEU A 147 -5.47 -14.29 -9.31
C LEU A 147 -6.36 -14.93 -10.40
N CYS A 148 -7.60 -15.19 -10.04
CA CYS A 148 -8.64 -15.90 -10.85
C CYS A 148 -9.95 -15.12 -10.99
N LYS A 149 -10.57 -15.21 -12.17
CA LYS A 149 -11.96 -14.75 -12.38
C LYS A 149 -12.78 -15.96 -12.81
N GLY A 150 -13.58 -16.50 -11.91
CA GLY A 150 -14.23 -17.79 -12.10
C GLY A 150 -13.26 -18.96 -12.34
N LYS A 151 -13.32 -19.60 -13.50
CA LYS A 151 -12.35 -20.65 -13.78
C LYS A 151 -11.10 -20.14 -14.49
N THR A 152 -11.14 -18.94 -15.05
CA THR A 152 -9.98 -18.35 -15.74
C THR A 152 -8.96 -17.87 -14.72
N VAL A 153 -7.75 -18.35 -14.87
CA VAL A 153 -6.65 -17.83 -14.10
C VAL A 153 -6.08 -16.63 -14.85
N ILE A 154 -5.99 -15.50 -14.18
CA ILE A 154 -5.43 -14.29 -14.77
C ILE A 154 -3.91 -14.27 -14.66
N ALA A 155 -3.35 -14.62 -13.48
CA ALA A 155 -1.89 -14.71 -13.23
C ALA A 155 -1.65 -15.60 -12.06
N LYS A 156 -0.50 -16.26 -12.05
CA LYS A 156 -0.17 -17.29 -11.08
C LYS A 156 1.31 -17.27 -10.98
N GLU A 157 1.88 -16.99 -9.80
CA GLU A 157 3.32 -17.00 -9.65
C GLU A 157 3.83 -17.43 -8.31
N TYR A 158 4.93 -18.19 -8.32
CA TYR A 158 5.58 -18.69 -7.08
C TYR A 158 6.36 -17.56 -6.47
N TYR A 159 6.40 -17.46 -5.14
CA TYR A 159 7.12 -16.37 -4.49
C TYR A 159 8.57 -16.36 -5.04
N SER A 160 9.11 -15.19 -5.30
CA SER A 160 10.49 -15.06 -5.81
C SER A 160 10.94 -13.62 -5.61
N SER A 161 12.21 -13.34 -5.90
CA SER A 161 12.81 -11.99 -5.79
C SER A 161 12.29 -11.01 -6.79
N ALA A 162 11.73 -11.51 -7.88
CA ALA A 162 11.12 -10.63 -8.87
C ALA A 162 9.76 -10.04 -8.40
N MET A 163 9.05 -10.75 -7.52
CA MET A 163 7.69 -10.37 -7.08
C MET A 163 7.76 -9.19 -6.11
N GLN A 164 6.84 -8.26 -6.21
CA GLN A 164 6.66 -7.24 -5.18
C GLN A 164 5.21 -7.27 -4.71
N LEU A 165 4.97 -6.87 -3.47
CA LEU A 165 3.61 -6.82 -2.92
C LEU A 165 3.59 -5.82 -1.79
N CYS A 166 2.72 -4.83 -1.88
CA CYS A 166 2.61 -3.84 -0.86
C CYS A 166 1.34 -3.05 -0.99
N GLY A 167 1.12 -2.21 0.01
CA GLY A 167 0.01 -1.30 0.02
C GLY A 167 0.18 -0.37 -1.16
N VAL A 168 -0.93 0.07 -1.72
CA VAL A 168 -0.83 1.00 -2.81
C VAL A 168 -0.32 2.34 -2.29
N ARG A 169 0.35 3.11 -3.15
CA ARG A 169 1.06 4.28 -2.70
C ARG A 169 0.50 5.62 -3.13
N GLY A 170 -0.72 5.64 -3.66
CA GLY A 170 -1.37 6.92 -4.07
C GLY A 170 -2.58 7.28 -3.27
N GLY A 171 -3.42 8.15 -3.83
CA GLY A 171 -4.67 8.50 -3.16
C GLY A 171 -5.86 7.62 -3.48
N GLY A 172 -7.06 8.21 -3.35
CA GLY A 172 -8.35 7.59 -3.66
C GLY A 172 -9.01 7.10 -2.41
N ASN A 173 -10.34 7.03 -2.42
CA ASN A 173 -11.06 6.58 -1.22
C ASN A 173 -10.77 5.13 -0.83
N ALA A 174 -10.33 4.32 -1.78
CA ALA A 174 -10.07 2.91 -1.53
C ALA A 174 -8.57 2.58 -1.28
N ALA A 175 -7.64 3.56 -1.19
CA ALA A 175 -6.19 3.26 -0.98
C ALA A 175 -5.88 2.37 0.22
N ALA A 176 -6.51 2.63 1.36
CA ALA A 176 -6.35 1.81 2.56
C ALA A 176 -6.83 0.34 2.39
N GLN A 177 -7.67 0.06 1.40
CA GLN A 177 -8.05 -1.32 1.12
C GLN A 177 -7.51 -1.89 -0.19
N ALA A 178 -6.44 -1.32 -0.77
CA ALA A 178 -5.91 -1.80 -2.03
C ALA A 178 -4.43 -2.14 -1.88
N LEU A 179 -3.97 -3.16 -2.61
CA LEU A 179 -2.58 -3.46 -2.74
C LEU A 179 -2.16 -3.52 -4.18
N TYR A 180 -0.85 -3.40 -4.35
CA TYR A 180 -0.13 -3.49 -5.61
C TYR A 180 0.62 -4.80 -5.61
N TRP A 181 0.50 -5.60 -6.68
CA TRP A 181 1.22 -6.87 -6.80
C TRP A 181 1.88 -6.90 -8.11
N GLN A 182 3.19 -7.01 -8.12
CA GLN A 182 3.93 -7.20 -9.37
C GLN A 182 4.24 -8.65 -9.34
N ALA A 183 3.51 -9.36 -10.18
CA ALA A 183 3.67 -10.81 -10.28
C ALA A 183 5.08 -11.24 -10.76
N LYS A 184 5.57 -10.53 -11.76
CA LYS A 184 6.91 -10.72 -12.31
C LYS A 184 7.16 -9.52 -13.20
N LYS A 185 8.37 -9.29 -13.71
CA LYS A 185 8.64 -7.99 -14.38
C LYS A 185 7.68 -7.71 -15.56
N GLY A 186 7.15 -6.50 -15.59
CA GLY A 186 6.18 -6.08 -16.61
C GLY A 186 4.72 -6.47 -16.42
N VAL A 187 4.43 -7.31 -15.41
CA VAL A 187 3.06 -7.80 -15.08
C VAL A 187 2.68 -7.43 -13.59
N SER A 188 1.81 -6.43 -13.47
CA SER A 188 1.43 -5.86 -12.18
C SER A 188 -0.06 -5.65 -12.19
N PHE A 189 -0.62 -5.70 -10.97
CA PHE A 189 -2.04 -5.47 -10.73
C PHE A 189 -2.20 -4.58 -9.52
N VAL A 190 -3.27 -3.83 -9.55
CA VAL A 190 -3.83 -3.21 -8.36
C VAL A 190 -5.17 -3.85 -8.07
N ILE A 191 -5.29 -4.27 -6.82
CA ILE A 191 -6.40 -5.03 -6.34
C ILE A 191 -6.99 -4.39 -5.05
N ALA A 192 -8.32 -4.35 -4.96
CA ALA A 192 -9.08 -3.77 -3.84
C ALA A 192 -9.91 -4.83 -3.15
N PHE A 193 -9.89 -4.86 -1.83
CA PHE A 193 -10.55 -5.84 -1.00
C PHE A 193 -11.83 -5.25 -0.43
N GLU A 194 -12.65 -6.12 0.14
CA GLU A 194 -13.88 -5.67 0.78
C GLU A 194 -13.67 -4.78 1.97
N SER A 195 -12.56 -4.98 2.68
CA SER A 195 -12.22 -4.11 3.83
C SER A 195 -10.71 -3.92 3.97
N GLU A 196 -10.33 -3.03 4.89
CA GLU A 196 -8.93 -2.74 5.22
C GLU A 196 -8.31 -3.94 5.87
N ARG A 197 -9.06 -4.61 6.73
CA ARG A 197 -8.55 -5.77 7.44
C ARG A 197 -8.16 -6.87 6.49
N GLU A 198 -8.99 -7.19 5.51
CA GLU A 198 -8.60 -8.22 4.48
C GLU A 198 -7.38 -7.80 3.67
N ARG A 199 -7.35 -6.55 3.26
CA ARG A 199 -6.21 -6.03 2.48
C ARG A 199 -4.89 -6.22 3.22
N ASN A 200 -4.80 -5.67 4.41
CA ASN A 200 -3.66 -5.92 5.30
C ASN A 200 -3.30 -7.37 5.73
N ALA A 201 -4.29 -8.20 6.05
CA ALA A 201 -4.07 -9.60 6.27
C ALA A 201 -3.49 -10.30 5.08
N ALA A 202 -3.95 -9.99 3.90
CA ALA A 202 -3.37 -10.60 2.72
C ALA A 202 -1.88 -10.20 2.48
N ILE A 203 -1.52 -8.95 2.73
CA ILE A 203 -0.14 -8.53 2.62
C ILE A 203 0.69 -9.27 3.69
N MET A 204 0.24 -9.31 4.93
CA MET A 204 1.02 -9.96 6.01
C MET A 204 1.17 -11.46 5.78
N LEU A 205 0.11 -12.06 5.30
CA LEU A 205 0.09 -13.50 5.09
C LEU A 205 1.01 -13.86 3.97
N ALA A 206 0.89 -13.19 2.84
CA ALA A 206 1.83 -13.38 1.73
C ALA A 206 3.29 -13.25 2.12
N ARG A 207 3.58 -12.24 2.92
CA ARG A 207 4.96 -11.98 3.33
C ARG A 207 5.51 -13.09 4.23
N ARG A 208 4.68 -13.57 5.12
CA ARG A 208 5.02 -14.68 5.97
C ARG A 208 5.23 -16.00 5.21
N PHE A 209 4.33 -16.33 4.30
CA PHE A 209 4.50 -17.49 3.44
C PHE A 209 5.72 -17.35 2.54
N ALA A 210 5.99 -16.17 2.03
CA ALA A 210 7.18 -15.92 1.27
C ALA A 210 8.45 -16.10 2.14
N CYS A 211 8.44 -15.62 3.37
CA CYS A 211 9.60 -15.75 4.24
C CYS A 211 9.91 -17.23 4.61
N ASP A 212 8.88 -18.04 4.90
CA ASP A 212 9.05 -19.48 4.93
C ASP A 212 9.72 -20.08 3.68
N CYS A 213 9.45 -19.56 2.50
CA CYS A 213 10.12 -19.94 1.23
C CYS A 213 11.43 -19.21 0.95
N ASN A 214 12.00 -18.54 1.94
CA ASN A 214 13.29 -17.83 1.82
C ASN A 214 13.24 -16.67 0.87
N VAL A 215 12.08 -15.99 0.80
CA VAL A 215 11.91 -14.86 -0.11
C VAL A 215 11.49 -13.63 0.75
N THR A 216 12.07 -12.46 0.50
CA THR A 216 11.72 -11.22 1.24
C THR A 216 10.79 -10.33 0.34
N LEU A 217 9.47 -10.44 0.56
CA LEU A 217 8.41 -9.91 -0.36
C LEU A 217 7.98 -8.56 0.18
N ALA A 218 8.19 -7.53 -0.61
CA ALA A 218 8.03 -6.20 -0.11
C ALA A 218 7.74 -5.35 -1.29
N GLY A 219 7.60 -4.06 -1.10
CA GLY A 219 7.24 -3.18 -2.21
C GLY A 219 8.52 -2.72 -2.94
N PRO A 220 8.39 -2.02 -4.07
CA PRO A 220 9.59 -1.56 -4.79
C PRO A 220 10.47 -0.76 -3.87
N GLU A 221 11.76 -1.11 -3.83
CA GLU A 221 12.84 -0.43 -3.05
C GLU A 221 12.78 -0.43 -1.52
N ASP A 222 11.86 -1.23 -0.96
CA ASP A 222 11.67 -1.42 0.49
C ASP A 222 12.97 -1.94 1.16
N ARG A 223 13.23 -1.51 2.41
CA ARG A 223 14.48 -1.86 3.15
C ARG A 223 14.13 -2.77 4.31
N ASP B 4 6.65 2.37 -11.56
CA ASP B 4 5.34 1.85 -12.07
C ASP B 4 4.24 2.92 -11.77
N PRO B 5 3.75 3.61 -12.83
CA PRO B 5 2.63 4.51 -12.55
C PRO B 5 1.50 3.83 -11.76
N ALA B 6 1.25 2.53 -11.99
CA ALA B 6 0.15 1.82 -11.27
C ALA B 6 0.22 1.93 -9.74
N ILE B 7 1.43 1.89 -9.18
CA ILE B 7 1.59 1.80 -7.73
C ILE B 7 1.04 3.05 -7.05
N SER B 8 0.93 4.13 -7.80
CA SER B 8 0.51 5.44 -7.27
C SER B 8 -0.83 5.95 -7.82
N LYS B 9 -1.48 5.23 -8.73
CA LYS B 9 -2.77 5.71 -9.25
C LYS B 9 -3.82 5.75 -8.12
N ASP B 10 -4.76 6.70 -8.23
CA ASP B 10 -5.91 6.82 -7.31
C ASP B 10 -6.70 5.51 -7.34
N VAL B 11 -7.04 5.02 -6.16
CA VAL B 11 -7.91 3.82 -6.09
C VAL B 11 -9.27 4.14 -5.50
N VAL B 12 -10.31 3.84 -6.30
CA VAL B 12 -11.68 4.23 -6.03
C VAL B 12 -12.67 3.07 -6.16
N LEU B 13 -13.61 3.03 -5.24
CA LEU B 13 -14.66 2.02 -5.20
C LEU B 13 -15.99 2.74 -4.99
N SER B 14 -17.09 2.12 -5.42
CA SER B 14 -18.44 2.67 -5.24
C SER B 14 -19.50 1.62 -5.55
N PHE B 18 -18.27 -4.57 -4.86
CA PHE B 18 -18.56 -5.14 -3.55
C PHE B 18 -19.94 -4.73 -3.07
#